data_1ZYB
#
_entry.id   1ZYB
#
_cell.length_a   115.980
_cell.length_b   115.980
_cell.length_c   119.639
_cell.angle_alpha   90.000
_cell.angle_beta   90.000
_cell.angle_gamma   120.000
#
_symmetry.space_group_name_H-M   'P 65 2 2'
#
loop_
_entity.id
_entity.type
_entity.pdbx_description
1 polymer 'transcription regulator, CRP family'
2 non-polymer GLYCEROL
3 water water
#
_entity_poly.entity_id   1
_entity_poly.type   'polypeptide(L)'
_entity_poly.pdbx_seq_one_letter_code
;(MSE)GSDKIHHHHHH(MSE)ET(MSE)FDTLLQLPLFQGLCHEDFTSILDKVKLHFIKHKAGETIIKSGNPCTQLCFLL
KGEISIVTNAKENIYTVIEQIEAPYLIEPQSLFG(MSE)NTNYASSYVAHTEVHTVCISKAFVLSDLFRYDIFRLNY
(MSE)NIVSNRAQNLYSRLWDEPTLDLKSKIIRFFLSHCEKPQGEKTFKVK(MSE)DDLARCLDDTRLNISKTLNELQDN
GLIELHRKEILIPDAQKLL
;
_entity_poly.pdbx_strand_id   A
#
# COMPACT_ATOMS: atom_id res chain seq x y z
N SER A 3 14.43 -6.16 -28.90
CA SER A 3 13.08 -5.59 -29.28
C SER A 3 13.25 -4.10 -29.57
N ASP A 4 12.60 -3.60 -30.64
CA ASP A 4 12.68 -2.16 -30.95
C ASP A 4 12.53 -1.34 -29.64
N LYS A 5 13.53 -0.50 -29.38
CA LYS A 5 13.77 0.14 -28.10
C LYS A 5 14.39 1.51 -28.33
N ILE A 6 13.94 2.48 -27.55
CA ILE A 6 14.52 3.81 -27.53
C ILE A 6 15.13 3.95 -26.17
N HIS A 7 16.39 4.32 -26.13
CA HIS A 7 17.03 4.54 -24.85
C HIS A 7 17.91 5.80 -24.86
N HIS A 8 17.53 6.75 -24.01
CA HIS A 8 18.29 7.95 -23.68
C HIS A 8 18.70 7.85 -22.22
N HIS A 9 19.93 7.41 -21.97
CA HIS A 9 20.26 6.99 -20.64
C HIS A 9 20.15 8.12 -19.61
N HIS A 10 20.56 9.33 -20.01
CA HIS A 10 20.51 10.49 -19.14
C HIS A 10 19.09 10.72 -18.67
N HIS A 11 18.13 10.72 -19.60
CA HIS A 11 16.71 10.94 -19.22
C HIS A 11 16.19 9.77 -18.39
N HIS A 12 16.57 8.55 -18.75
CA HIS A 12 16.24 7.33 -17.96
C HIS A 12 16.71 7.47 -16.51
N GLU A 14 17.57 10.26 -14.82
CA GLU A 14 16.83 11.34 -14.16
C GLU A 14 15.49 10.86 -13.61
N THR A 15 14.74 10.13 -14.42
CA THR A 15 13.49 9.54 -13.95
C THR A 15 13.71 8.64 -12.77
N PHE A 17 16.24 8.90 -10.53
CA PHE A 17 16.60 9.85 -9.46
C PHE A 17 15.34 10.47 -8.85
N ASP A 18 14.36 10.74 -9.70
CA ASP A 18 13.15 11.39 -9.29
C ASP A 18 12.15 10.46 -8.67
N THR A 19 12.42 9.16 -8.69
CA THR A 19 11.42 8.17 -8.25
C THR A 19 12.03 7.23 -7.24
N LEU A 20 12.74 6.21 -7.74
CA LEU A 20 13.32 5.18 -6.87
C LEU A 20 14.26 5.77 -5.82
N LEU A 21 15.09 6.72 -6.25
CA LEU A 21 16.07 7.29 -5.34
C LEU A 21 15.42 8.07 -4.19
N GLN A 22 14.15 8.43 -4.34
CA GLN A 22 13.45 9.20 -3.31
C GLN A 22 12.77 8.31 -2.27
N LEU A 23 12.84 6.99 -2.47
CA LEU A 23 12.17 6.03 -1.61
C LEU A 23 13.08 5.57 -0.48
N PRO A 24 12.47 5.16 0.67
CA PRO A 24 13.32 4.75 1.79
C PRO A 24 14.24 3.57 1.44
N LEU A 25 13.87 2.70 0.52
CA LEU A 25 14.74 1.57 0.18
C LEU A 25 16.12 2.01 -0.37
N PHE A 26 16.17 3.21 -0.97
CA PHE A 26 17.36 3.74 -1.61
C PHE A 26 17.98 4.94 -0.89
N GLN A 27 17.55 5.17 0.35
CA GLN A 27 18.10 6.27 1.18
C GLN A 27 19.56 5.99 1.44
N GLY A 28 20.32 7.06 1.62
CA GLY A 28 21.71 6.97 2.02
C GLY A 28 22.63 6.63 0.87
N LEU A 29 22.14 6.74 -0.35
CA LEU A 29 22.93 6.40 -1.53
C LEU A 29 23.19 7.68 -2.29
N CYS A 30 24.43 7.93 -2.67
CA CYS A 30 24.75 9.01 -3.59
C CYS A 30 24.28 8.63 -5.00
N HIS A 31 24.16 9.62 -5.87
CA HIS A 31 23.70 9.37 -7.25
C HIS A 31 24.52 8.33 -7.99
N GLU A 32 25.84 8.41 -7.86
CA GLU A 32 26.73 7.55 -8.60
C GLU A 32 26.59 6.09 -8.16
N ASP A 33 26.50 5.86 -6.87
CA ASP A 33 26.32 4.50 -6.35
C ASP A 33 24.92 3.94 -6.69
N PHE A 34 23.88 4.76 -6.54
CA PHE A 34 22.56 4.39 -6.97
C PHE A 34 22.56 3.94 -8.44
N THR A 35 23.18 4.75 -9.30
CA THR A 35 23.30 4.44 -10.71
C THR A 35 24.02 3.11 -10.93
N SER A 36 25.13 2.89 -10.23
CA SER A 36 25.93 1.65 -10.42
C SER A 36 25.14 0.42 -10.04
N ILE A 37 24.35 0.56 -9.00
CA ILE A 37 23.50 -0.52 -8.53
C ILE A 37 22.41 -0.85 -9.55
N LEU A 38 21.73 0.16 -10.11
CA LEU A 38 20.71 -0.10 -11.14
C LEU A 38 21.28 -0.66 -12.42
N ASP A 39 22.51 -0.27 -12.76
CA ASP A 39 23.20 -0.77 -13.96
C ASP A 39 23.22 -2.28 -14.05
N LYS A 40 23.36 -2.89 -12.89
CA LYS A 40 23.63 -4.31 -12.79
C LYS A 40 22.38 -5.13 -12.78
N VAL A 41 21.20 -4.48 -12.73
CA VAL A 41 19.95 -5.22 -12.74
C VAL A 41 19.11 -5.00 -13.99
N LYS A 42 18.28 -5.99 -14.30
CA LYS A 42 17.33 -5.89 -15.39
C LYS A 42 16.08 -5.19 -14.88
N LEU A 43 15.80 -4.02 -15.44
CA LEU A 43 14.61 -3.25 -15.10
C LEU A 43 13.50 -3.55 -16.09
N HIS A 44 12.34 -3.97 -15.60
CA HIS A 44 11.20 -4.21 -16.45
C HIS A 44 10.18 -3.11 -16.28
N PHE A 45 10.04 -2.25 -17.29
CA PHE A 45 9.12 -1.11 -17.27
C PHE A 45 7.83 -1.53 -17.93
N ILE A 46 6.71 -1.31 -17.23
CA ILE A 46 5.39 -1.76 -17.67
C ILE A 46 4.39 -0.63 -17.43
N LYS A 47 3.61 -0.33 -18.45
CA LYS A 47 2.56 0.67 -18.39
C LYS A 47 1.23 -0.05 -18.23
N HIS A 48 0.33 0.50 -17.41
CA HIS A 48 -1.00 -0.10 -17.23
C HIS A 48 -2.05 0.94 -17.48
N LYS A 49 -3.12 0.58 -18.16
CA LYS A 49 -4.26 1.48 -18.33
C LYS A 49 -5.09 1.60 -17.05
N ALA A 50 -5.72 2.76 -16.87
CA ALA A 50 -6.70 2.94 -15.81
C ALA A 50 -7.68 1.76 -15.76
N GLY A 51 -7.88 1.23 -14.56
CA GLY A 51 -8.80 0.11 -14.32
C GLY A 51 -8.17 -1.26 -14.38
N GLU A 52 -6.93 -1.35 -14.88
CA GLU A 52 -6.29 -2.64 -15.05
C GLU A 52 -5.70 -3.11 -13.71
N THR A 53 -5.81 -4.42 -13.46
CA THR A 53 -5.18 -5.01 -12.29
C THR A 53 -3.69 -5.17 -12.57
N ILE A 54 -2.88 -4.51 -11.76
CA ILE A 54 -1.43 -4.61 -11.83
C ILE A 54 -0.98 -5.90 -11.16
N ILE A 55 -1.46 -6.12 -9.95
CA ILE A 55 -1.11 -7.27 -9.12
C ILE A 55 -2.37 -7.77 -8.44
N LYS A 56 -2.48 -9.10 -8.36
CA LYS A 56 -3.64 -9.76 -7.79
C LYS A 56 -3.23 -10.49 -6.50
N SER A 57 -3.95 -10.23 -5.40
CA SER A 57 -3.69 -10.93 -4.15
C SER A 57 -3.73 -12.45 -4.36
N GLY A 58 -2.89 -13.16 -3.61
CA GLY A 58 -2.80 -14.60 -3.72
C GLY A 58 -1.85 -15.09 -4.80
N ASN A 59 -1.48 -14.24 -5.75
CA ASN A 59 -0.43 -14.60 -6.71
C ASN A 59 0.95 -14.45 -6.09
N PRO A 60 1.90 -15.29 -6.49
CA PRO A 60 3.24 -15.27 -5.93
C PRO A 60 3.96 -13.95 -6.17
N CYS A 61 4.63 -13.45 -5.14
CA CYS A 61 5.48 -12.31 -5.29
C CYS A 61 6.88 -12.84 -5.61
N THR A 62 7.33 -12.52 -6.83
CA THR A 62 8.63 -12.95 -7.31
C THR A 62 9.43 -11.76 -7.87
N GLN A 63 9.06 -10.54 -7.45
CA GLN A 63 9.76 -9.33 -7.85
C GLN A 63 9.41 -8.14 -6.96
N LEU A 64 10.24 -7.11 -7.02
CA LEU A 64 9.96 -5.83 -6.38
C LEU A 64 9.38 -4.94 -7.43
N CYS A 65 8.14 -4.53 -7.24
CA CYS A 65 7.46 -3.70 -8.18
C CYS A 65 7.31 -2.28 -7.63
N PHE A 66 7.75 -1.29 -8.43
CA PHE A 66 7.75 0.11 -8.03
C PHE A 66 6.76 0.89 -8.86
N LEU A 67 5.94 1.70 -8.18
CA LEU A 67 5.07 2.63 -8.85
C LEU A 67 5.86 3.92 -9.16
N LEU A 68 6.03 4.22 -10.45
CA LEU A 68 6.78 5.38 -10.89
C LEU A 68 5.95 6.61 -11.19
N LYS A 69 4.76 6.41 -11.74
CA LYS A 69 3.90 7.52 -12.11
C LYS A 69 2.46 7.07 -12.07
N GLY A 70 1.58 7.96 -11.58
CA GLY A 70 0.14 7.69 -11.53
C GLY A 70 -0.31 7.32 -10.13
N GLU A 71 -1.54 6.85 -10.05
CA GLU A 71 -2.20 6.54 -8.79
C GLU A 71 -2.74 5.14 -8.87
N ILE A 72 -2.54 4.37 -7.82
CA ILE A 72 -3.10 3.03 -7.74
C ILE A 72 -4.04 2.93 -6.55
N SER A 73 -4.84 1.86 -6.56
CA SER A 73 -5.65 1.48 -5.43
C SER A 73 -5.15 0.16 -4.89
N ILE A 74 -4.82 0.13 -3.60
CA ILE A 74 -4.63 -1.12 -2.90
C ILE A 74 -6.04 -1.65 -2.55
N VAL A 75 -6.27 -2.93 -2.80
CA VAL A 75 -7.58 -3.55 -2.58
C VAL A 75 -7.31 -4.79 -1.74
N THR A 76 -7.85 -4.80 -0.53
CA THR A 76 -7.55 -5.87 0.42
C THR A 76 -8.85 -6.39 0.98
N ASN A 77 -9.06 -7.69 0.84
CA ASN A 77 -10.21 -8.39 1.34
C ASN A 77 -9.93 -9.04 2.68
N ALA A 78 -10.84 -8.84 3.64
CA ALA A 78 -10.82 -9.60 4.87
C ALA A 78 -11.15 -11.08 4.58
N LYS A 79 -10.90 -11.95 5.56
CA LYS A 79 -11.27 -13.36 5.42
C LYS A 79 -12.76 -13.50 5.03
N GLU A 80 -13.01 -14.41 4.10
CA GLU A 80 -14.33 -14.66 3.57
C GLU A 80 -14.95 -13.41 2.98
N ASN A 81 -14.11 -12.45 2.58
CA ASN A 81 -14.54 -11.16 2.00
C ASN A 81 -15.62 -10.45 2.77
N ILE A 82 -15.54 -10.49 4.09
CA ILE A 82 -16.57 -9.84 4.93
C ILE A 82 -16.51 -8.32 4.86
N TYR A 83 -15.34 -7.82 4.46
CA TYR A 83 -15.19 -6.44 4.04
C TYR A 83 -13.97 -6.32 3.14
N THR A 84 -13.94 -5.23 2.39
CA THR A 84 -12.89 -4.93 1.46
C THR A 84 -12.49 -3.47 1.66
N VAL A 85 -11.20 -3.23 1.79
CA VAL A 85 -10.63 -1.89 1.90
C VAL A 85 -9.90 -1.49 0.62
N ILE A 86 -10.24 -0.31 0.11
CA ILE A 86 -9.64 0.26 -1.08
C ILE A 86 -8.94 1.54 -0.64
N GLU A 87 -7.62 1.58 -0.86
CA GLU A 87 -6.78 2.69 -0.41
C GLU A 87 -5.98 3.23 -1.60
N GLN A 88 -6.09 4.54 -1.81
CA GLN A 88 -5.38 5.23 -2.87
C GLN A 88 -3.90 5.48 -2.48
N ILE A 89 -3.01 5.17 -3.42
CA ILE A 89 -1.55 5.43 -3.29
C ILE A 89 -1.03 6.18 -4.52
N GLU A 90 -0.24 7.20 -4.27
CA GLU A 90 0.37 8.00 -5.36
C GLU A 90 1.84 7.62 -5.54
N ALA A 91 2.33 7.74 -6.77
CA ALA A 91 3.75 7.53 -7.07
C ALA A 91 4.60 8.55 -6.35
N PRO A 92 5.84 8.19 -6.00
CA PRO A 92 6.45 6.88 -6.16
C PRO A 92 6.18 6.03 -4.95
N TYR A 93 6.20 4.72 -5.12
CA TYR A 93 5.83 3.79 -4.05
C TYR A 93 6.40 2.43 -4.36
N LEU A 94 6.90 1.76 -3.32
CA LEU A 94 7.32 0.35 -3.45
C LEU A 94 6.23 -0.57 -2.94
N ILE A 95 5.79 -1.49 -3.79
CA ILE A 95 4.73 -2.41 -3.42
C ILE A 95 5.17 -3.63 -2.59
N GLU A 96 4.57 -3.77 -1.41
CA GLU A 96 4.78 -4.94 -0.53
C GLU A 96 6.18 -5.49 -0.47
N PRO A 97 7.13 -4.67 -0.02
CA PRO A 97 8.48 -5.20 0.16
C PRO A 97 8.51 -6.42 1.06
N GLN A 98 7.59 -6.47 2.02
CA GLN A 98 7.50 -7.59 2.98
C GLN A 98 7.16 -8.94 2.33
N SER A 99 6.55 -8.89 1.13
CA SER A 99 6.07 -10.12 0.52
C SER A 99 7.13 -10.85 -0.30
N LEU A 100 8.30 -10.25 -0.40
CA LEU A 100 9.39 -10.82 -1.13
C LEU A 100 10.04 -11.93 -0.36
N PHE A 101 9.88 -11.93 0.96
CA PHE A 101 10.46 -12.97 1.80
C PHE A 101 9.41 -13.66 2.61
N GLY A 102 9.87 -14.64 3.40
CA GLY A 102 9.00 -15.34 4.31
C GLY A 102 8.41 -16.64 3.81
N ASN A 104 4.90 -17.16 3.38
CA ASN A 104 3.95 -16.79 2.34
C ASN A 104 4.54 -15.72 1.41
N THR A 105 5.13 -16.19 0.32
CA THR A 105 5.61 -15.31 -0.68
C THR A 105 4.51 -15.00 -1.72
N ASN A 106 3.23 -15.03 -1.33
CA ASN A 106 2.16 -14.44 -2.17
C ASN A 106 1.82 -13.02 -1.78
N TYR A 107 1.41 -12.22 -2.75
CA TYR A 107 0.89 -10.89 -2.50
C TYR A 107 -0.32 -10.95 -1.55
N ALA A 108 -0.35 -10.05 -0.59
CA ALA A 108 -1.43 -10.02 0.36
C ALA A 108 -2.57 -9.19 -0.16
N SER A 109 -2.28 -8.16 -0.96
CA SER A 109 -3.34 -7.31 -1.52
C SER A 109 -3.28 -7.32 -3.03
N SER A 110 -4.32 -6.77 -3.65
CA SER A 110 -4.36 -6.52 -5.07
C SER A 110 -4.06 -5.05 -5.29
N TYR A 111 -3.49 -4.74 -6.44
CA TYR A 111 -3.14 -3.36 -6.80
C TYR A 111 -3.73 -3.12 -8.19
N VAL A 112 -4.51 -2.04 -8.30
CA VAL A 112 -5.25 -1.70 -9.49
C VAL A 112 -4.86 -0.28 -9.95
N ALA A 113 -4.63 -0.12 -11.24
CA ALA A 113 -4.37 1.20 -11.80
C ALA A 113 -5.62 2.06 -11.63
N HIS A 114 -5.46 3.17 -10.92
CA HIS A 114 -6.54 4.11 -10.80
C HIS A 114 -6.50 5.02 -12.01
N THR A 115 -5.34 5.63 -12.25
CA THR A 115 -5.09 6.35 -13.48
C THR A 115 -4.25 5.45 -14.37
N GLU A 116 -3.81 5.98 -15.51
CA GLU A 116 -2.74 5.33 -16.25
C GLU A 116 -1.54 5.28 -15.30
N VAL A 117 -0.82 4.17 -15.29
CA VAL A 117 0.31 4.01 -14.36
C VAL A 117 1.56 3.48 -15.07
N HIS A 118 2.69 3.94 -14.59
CA HIS A 118 3.99 3.42 -15.00
C HIS A 118 4.60 2.75 -13.79
N THR A 119 5.07 1.52 -13.99
CA THR A 119 5.83 0.79 -12.97
C THR A 119 7.17 0.28 -13.50
N VAL A 120 8.03 -0.13 -12.58
CA VAL A 120 9.23 -0.84 -12.93
C VAL A 120 9.40 -1.99 -11.94
N CYS A 121 9.76 -3.17 -12.44
CA CYS A 121 9.98 -4.34 -11.62
C CYS A 121 11.41 -4.88 -11.76
N ILE A 122 11.91 -5.40 -10.64
CA ILE A 122 13.20 -6.06 -10.56
C ILE A 122 12.93 -7.43 -9.95
N SER A 123 13.44 -8.48 -10.59
CA SER A 123 13.21 -9.85 -10.13
C SER A 123 13.79 -10.10 -8.75
N LYS A 124 13.17 -11.01 -8.01
CA LYS A 124 13.70 -11.40 -6.73
C LYS A 124 15.14 -11.87 -6.87
N ALA A 125 15.44 -12.62 -7.95
CA ALA A 125 16.81 -13.07 -8.17
C ALA A 125 17.81 -11.92 -8.22
N PHE A 126 17.50 -10.86 -8.95
CA PHE A 126 18.40 -9.70 -8.98
C PHE A 126 18.49 -8.96 -7.64
N VAL A 127 17.40 -8.96 -6.89
CA VAL A 127 17.41 -8.33 -5.57
C VAL A 127 18.36 -9.09 -4.65
N LEU A 128 18.21 -10.40 -4.57
CA LEU A 128 19.08 -11.19 -3.68
C LEU A 128 20.51 -11.18 -4.14
N SER A 129 20.71 -11.47 -5.42
CA SER A 129 22.03 -11.71 -5.96
C SER A 129 22.83 -10.43 -6.11
N ASP A 130 22.18 -9.32 -6.43
CA ASP A 130 22.88 -8.09 -6.65
C ASP A 130 22.65 -7.10 -5.52
N LEU A 131 21.41 -6.61 -5.38
CA LEU A 131 21.10 -5.48 -4.47
C LEU A 131 21.43 -5.75 -3.00
N PHE A 132 21.16 -6.97 -2.56
CA PHE A 132 21.35 -7.38 -1.17
C PHE A 132 22.79 -7.59 -0.83
N ARG A 133 23.67 -7.59 -1.82
CA ARG A 133 25.11 -7.66 -1.55
C ARG A 133 25.64 -6.30 -1.10
N TYR A 134 24.83 -5.23 -1.16
CA TYR A 134 25.33 -3.94 -0.73
C TYR A 134 24.76 -3.58 0.61
N ASP A 135 25.65 -3.28 1.55
CA ASP A 135 25.24 -3.05 2.93
C ASP A 135 24.13 -2.03 3.10
N ILE A 136 24.19 -0.89 2.41
CA ILE A 136 23.18 0.16 2.63
C ILE A 136 21.79 -0.32 2.16
N PHE A 137 21.77 -1.06 1.06
CA PHE A 137 20.51 -1.52 0.50
C PHE A 137 19.90 -2.51 1.46
N ARG A 138 20.69 -3.48 1.90
CA ARG A 138 20.16 -4.50 2.82
C ARG A 138 19.76 -3.94 4.19
N LEU A 139 20.51 -2.98 4.69
CA LEU A 139 20.10 -2.28 5.90
C LEU A 139 18.75 -1.57 5.71
N ASN A 140 18.58 -0.91 4.57
CA ASN A 140 17.37 -0.13 4.34
C ASN A 140 16.17 -1.06 4.29
N TYR A 141 16.34 -2.17 3.58
CA TYR A 141 15.28 -3.15 3.42
C TYR A 141 14.92 -3.73 4.79
N ASN A 143 15.35 -2.38 7.69
CA ASN A 143 14.67 -1.37 8.45
C ASN A 143 13.18 -1.27 8.08
N ILE A 144 12.86 -1.40 6.81
CA ILE A 144 11.48 -1.26 6.32
C ILE A 144 10.62 -2.37 6.88
N VAL A 145 11.10 -3.60 6.75
CA VAL A 145 10.31 -4.74 7.19
C VAL A 145 10.20 -4.78 8.73
N SER A 146 11.28 -4.43 9.45
CA SER A 146 11.25 -4.40 10.92
C SER A 146 10.33 -3.33 11.42
N ASN A 147 10.31 -2.17 10.77
CA ASN A 147 9.38 -1.11 11.15
C ASN A 147 7.97 -1.57 11.02
N ARG A 148 7.68 -2.29 9.95
CA ARG A 148 6.32 -2.82 9.77
C ARG A 148 5.97 -3.78 10.90
N ALA A 149 6.89 -4.67 11.25
CA ALA A 149 6.65 -5.62 12.32
C ALA A 149 6.50 -4.92 13.66
N GLN A 150 7.35 -3.93 13.93
CA GLN A 150 7.28 -3.16 15.15
C GLN A 150 5.94 -2.39 15.25
N ASN A 151 5.52 -1.74 14.17
CA ASN A 151 4.29 -0.92 14.22
C ASN A 151 3.05 -1.79 14.47
N LEU A 152 2.97 -2.92 13.77
CA LEU A 152 1.86 -3.85 13.94
C LEU A 152 1.81 -4.46 15.33
N TYR A 153 2.98 -4.79 15.90
CA TYR A 153 3.05 -5.33 17.22
C TYR A 153 2.60 -4.31 18.26
N SER A 154 3.10 -3.10 18.12
CA SER A 154 2.80 -2.02 19.03
C SER A 154 1.31 -1.78 19.21
N ARG A 155 0.54 -1.88 18.12
CA ARG A 155 -0.87 -1.69 18.15
C ARG A 155 -1.61 -2.76 18.94
N LEU A 156 -1.04 -3.95 19.13
CA LEU A 156 -1.68 -4.96 20.00
C LEU A 156 -1.77 -4.53 21.43
N TRP A 157 -0.94 -3.56 21.83
CA TRP A 157 -0.77 -3.26 23.25
C TRP A 157 -1.30 -1.90 23.61
N ASP A 158 -2.04 -1.29 22.69
CA ASP A 158 -2.69 0.00 22.95
C ASP A 158 -3.76 -0.09 24.01
N GLU A 159 -4.02 1.08 24.59
CA GLU A 159 -5.14 1.29 25.44
C GLU A 159 -6.37 1.07 24.59
N PRO A 160 -7.42 0.56 25.20
CA PRO A 160 -8.63 0.28 24.46
C PRO A 160 -9.43 1.55 24.11
N THR A 161 -10.28 1.42 23.13
CA THR A 161 -11.17 2.50 22.76
C THR A 161 -12.29 2.44 23.77
N LEU A 162 -12.87 3.58 24.06
CA LEU A 162 -13.89 3.64 25.11
C LEU A 162 -15.31 3.92 24.65
N ASP A 163 -15.51 4.19 23.37
CA ASP A 163 -16.87 4.28 22.81
C ASP A 163 -16.91 3.75 21.39
N LEU A 164 -18.09 3.71 20.81
CA LEU A 164 -18.26 3.15 19.49
C LEU A 164 -17.64 4.00 18.39
N LYS A 165 -17.72 5.32 18.51
CA LYS A 165 -17.08 6.20 17.53
C LYS A 165 -15.57 5.96 17.46
N SER A 166 -14.92 5.83 18.62
CA SER A 166 -13.45 5.56 18.63
C SER A 166 -13.12 4.14 18.13
N LYS A 167 -13.96 3.19 18.50
CA LYS A 167 -13.85 1.85 17.99
C LYS A 167 -13.92 1.84 16.48
N ILE A 168 -14.91 2.53 15.92
CA ILE A 168 -15.08 2.58 14.48
C ILE A 168 -13.88 3.23 13.79
N ILE A 169 -13.44 4.34 14.36
CA ILE A 169 -12.29 5.06 13.81
C ILE A 169 -11.03 4.22 13.83
N ARG A 170 -10.80 3.53 14.94
CA ARG A 170 -9.68 2.61 15.01
C ARG A 170 -9.82 1.48 13.98
N PHE A 171 -11.02 0.93 13.84
CA PHE A 171 -11.26 -0.08 12.82
C PHE A 171 -10.83 0.41 11.43
N PHE A 172 -11.21 1.63 11.09
CA PHE A 172 -10.81 2.22 9.81
C PHE A 172 -9.30 2.36 9.71
N LEU A 173 -8.72 3.08 10.66
CA LEU A 173 -7.29 3.44 10.58
C LEU A 173 -6.36 2.25 10.60
N SER A 174 -6.69 1.25 11.41
CA SER A 174 -5.87 0.07 11.52
C SER A 174 -5.86 -0.79 10.24
N HIS A 175 -6.77 -0.52 9.31
CA HIS A 175 -6.79 -1.25 8.03
C HIS A 175 -6.30 -0.38 6.85
N CYS A 176 -5.63 0.73 7.17
CA CYS A 176 -4.98 1.63 6.21
C CYS A 176 -3.48 1.58 6.36
N GLU A 177 -2.78 1.58 5.23
CA GLU A 177 -1.34 1.69 5.23
C GLU A 177 -0.92 3.07 5.72
N LYS A 178 -1.72 4.11 5.44
CA LYS A 178 -1.39 5.42 5.95
C LYS A 178 -2.65 6.19 6.26
N PRO A 179 -2.61 7.05 7.30
CA PRO A 179 -3.76 7.78 7.78
C PRO A 179 -3.89 9.10 7.08
N GLN A 180 -3.75 9.10 5.78
CA GLN A 180 -3.96 10.27 4.99
C GLN A 180 -4.44 9.77 3.67
N GLY A 181 -5.37 10.50 3.07
CA GLY A 181 -5.84 10.15 1.76
C GLY A 181 -7.17 9.44 1.79
N GLU A 182 -7.66 9.15 0.59
CA GLU A 182 -8.95 8.58 0.39
C GLU A 182 -8.93 7.06 0.59
N LYS A 183 -9.95 6.58 1.27
CA LYS A 183 -10.18 5.15 1.52
C LYS A 183 -11.67 4.87 1.31
N THR A 184 -11.98 3.69 0.81
CA THR A 184 -13.35 3.20 0.81
C THR A 184 -13.33 1.85 1.50
N PHE A 185 -14.33 1.64 2.36
CA PHE A 185 -14.60 0.36 3.00
C PHE A 185 -15.89 -0.20 2.41
N LYS A 186 -15.78 -1.33 1.72
CA LYS A 186 -16.93 -2.01 1.20
C LYS A 186 -17.29 -3.10 2.20
N VAL A 187 -18.46 -2.95 2.82
CA VAL A 187 -18.85 -3.75 3.93
C VAL A 187 -20.38 -3.65 4.10
N LYS A 188 -21.02 -4.82 4.20
CA LYS A 188 -22.47 -4.86 4.50
C LYS A 188 -22.62 -4.64 5.99
N ASP A 190 -24.62 -6.05 8.27
CA ASP A 190 -24.54 -7.24 9.09
C ASP A 190 -23.07 -7.56 9.44
N ASP A 191 -22.20 -7.54 8.44
CA ASP A 191 -20.81 -7.85 8.63
C ASP A 191 -20.07 -6.86 9.56
N LEU A 192 -20.37 -5.59 9.41
CA LEU A 192 -19.70 -4.58 10.21
C LEU A 192 -20.04 -4.68 11.69
N ALA A 193 -21.33 -4.88 11.95
CA ALA A 193 -21.85 -5.17 13.29
C ALA A 193 -21.11 -6.30 13.99
N ARG A 194 -20.97 -7.41 13.28
CA ARG A 194 -20.15 -8.51 13.77
C ARG A 194 -18.71 -8.14 14.05
N CYS A 195 -18.07 -7.39 13.16
CA CYS A 195 -16.70 -6.99 13.36
C CYS A 195 -16.50 -6.14 14.59
N LEU A 196 -17.45 -5.26 14.87
CA LEU A 196 -17.35 -4.34 16.00
C LEU A 196 -17.98 -4.89 17.26
N ASP A 197 -18.58 -6.07 17.14
CA ASP A 197 -19.31 -6.67 18.23
C ASP A 197 -20.34 -5.66 18.82
N ASP A 198 -21.13 -5.06 17.93
CA ASP A 198 -22.21 -4.17 18.33
C ASP A 198 -23.40 -4.36 17.39
N THR A 199 -24.39 -3.47 17.45
CA THR A 199 -25.63 -3.70 16.76
C THR A 199 -25.78 -2.74 15.61
N ARG A 200 -26.60 -3.13 14.67
CA ARG A 200 -26.91 -2.30 13.53
C ARG A 200 -27.35 -0.89 13.92
N LEU A 201 -28.23 -0.83 14.91
CA LEU A 201 -28.82 0.45 15.34
C LEU A 201 -27.74 1.39 15.90
N ASN A 202 -26.86 0.88 16.76
CA ASN A 202 -25.76 1.69 17.34
C ASN A 202 -24.74 2.11 16.31
N ILE A 203 -24.36 1.16 15.48
CA ILE A 203 -23.45 1.43 14.36
C ILE A 203 -24.01 2.44 13.38
N SER A 204 -25.28 2.26 13.02
CA SER A 204 -25.95 3.21 12.16
C SER A 204 -25.95 4.65 12.70
N LYS A 205 -26.26 4.79 13.99
CA LYS A 205 -26.25 6.09 14.66
C LYS A 205 -24.89 6.75 14.57
N THR A 206 -23.87 6.00 14.95
CA THR A 206 -22.52 6.52 15.00
C THR A 206 -21.98 6.85 13.61
N LEU A 207 -22.26 5.99 12.63
CA LEU A 207 -21.83 6.26 11.26
C LEU A 207 -22.50 7.54 10.74
N ASN A 208 -23.75 7.75 11.08
CA ASN A 208 -24.44 9.01 10.70
C ASN A 208 -23.90 10.29 11.35
N GLU A 209 -23.50 10.21 12.63
CA GLU A 209 -22.78 11.32 13.27
C GLU A 209 -21.51 11.64 12.52
N LEU A 210 -20.69 10.64 12.25
CA LEU A 210 -19.48 10.86 11.44
C LEU A 210 -19.76 11.49 10.07
N GLN A 211 -20.82 11.04 9.41
CA GLN A 211 -21.18 11.57 8.10
C GLN A 211 -21.66 12.99 8.23
N ASP A 212 -22.43 13.25 9.26
CA ASP A 212 -22.94 14.58 9.51
C ASP A 212 -21.79 15.52 9.78
N ASN A 213 -20.75 15.07 10.47
CA ASN A 213 -19.58 15.93 10.70
C ASN A 213 -18.62 15.98 9.53
N GLY A 214 -19.05 15.51 8.37
CA GLY A 214 -18.24 15.57 7.15
C GLY A 214 -17.03 14.66 7.08
N LEU A 215 -16.97 13.61 7.91
CA LEU A 215 -15.76 12.76 7.98
C LEU A 215 -15.80 11.51 7.10
N ILE A 216 -17.00 11.04 6.82
CA ILE A 216 -17.20 9.91 5.91
C ILE A 216 -18.43 10.15 5.07
N GLU A 217 -18.60 9.36 4.02
CA GLU A 217 -19.85 9.37 3.25
C GLU A 217 -20.38 7.95 3.18
N LEU A 218 -21.70 7.82 3.34
CA LEU A 218 -22.36 6.55 3.35
C LEU A 218 -23.05 6.26 2.03
N HIS A 219 -22.73 5.12 1.43
CA HIS A 219 -23.39 4.66 0.21
C HIS A 219 -23.86 3.24 0.41
N ARG A 220 -24.41 2.63 -0.63
CA ARG A 220 -24.98 1.28 -0.48
C ARG A 220 -23.84 0.31 -0.24
N LYS A 221 -23.82 -0.33 0.92
CA LYS A 221 -22.79 -1.33 1.28
C LYS A 221 -21.35 -0.81 1.16
N GLU A 222 -21.18 0.49 1.39
CA GLU A 222 -19.91 1.17 1.14
C GLU A 222 -19.74 2.46 1.95
N ILE A 223 -18.58 2.61 2.59
CA ILE A 223 -18.21 3.84 3.33
C ILE A 223 -16.99 4.47 2.68
N LEU A 224 -17.16 5.68 2.17
CA LEU A 224 -16.08 6.52 1.63
C LEU A 224 -15.49 7.41 2.76
N ILE A 225 -14.16 7.36 2.91
CA ILE A 225 -13.40 8.24 3.79
C ILE A 225 -12.53 9.13 2.88
N PRO A 226 -13.01 10.35 2.61
CA PRO A 226 -12.31 11.25 1.68
C PRO A 226 -10.87 11.55 2.07
N ASP A 227 -10.65 11.75 3.37
CA ASP A 227 -9.31 11.95 3.92
C ASP A 227 -9.23 11.36 5.33
N ALA A 228 -8.54 10.25 5.43
CA ALA A 228 -8.45 9.56 6.68
C ALA A 228 -7.73 10.33 7.78
N GLN A 229 -6.84 11.25 7.40
CA GLN A 229 -6.14 12.10 8.38
C GLN A 229 -7.11 12.88 9.25
N LYS A 230 -8.26 13.24 8.67
CA LYS A 230 -9.25 14.04 9.38
C LYS A 230 -9.93 13.26 10.51
N LEU A 231 -9.68 11.94 10.59
CA LEU A 231 -10.23 11.11 11.66
C LEU A 231 -9.34 11.15 12.89
N LEU A 232 -8.12 11.66 12.75
CA LEU A 232 -7.14 11.68 13.86
C LEU A 232 -7.44 12.80 14.87
#